data_7P4V
#
_entry.id   7P4V
#
_cell.length_a   87.296
_cell.length_b   87.296
_cell.length_c   46.010
_cell.angle_alpha   90.000
_cell.angle_beta   90.000
_cell.angle_gamma   120.000
#
_symmetry.space_group_name_H-M   'P 3 2 1'
#
loop_
_entity.id
_entity.type
_entity.pdbx_description
1 polymer 'GlnK1 from Methanothermococcus thermolithotrophicus'
2 non-polymer "2'-DEOXYADENOSINE-5'-DIPHOSPHATE"
3 non-polymer 'CHLORIDE ION'
4 water water
#
_entity_poly.entity_id   1
_entity_poly.type   'polypeptide(L)'
_entity_poly.pdbx_seq_one_letter_code
;MGSSHHHHHHSSGLVPRGSHMKKVEAIIRPERLDIVKNALSDAGYVGMTVSEVKGRGIQGGIVERYRGREYIVDLLPKIK
IEMAVNDEDVEKVIDIICENAKTGEFGDGKIFVIPIEEVVRVRTGERGNDAI
;
_entity_poly.pdbx_strand_id   A
#
loop_
_chem_comp.id
_chem_comp.type
_chem_comp.name
_chem_comp.formula
CL non-polymer 'CHLORIDE ION' 'Cl -1'
DAT non-polymer 2'-DEOXYADENOSINE-5'-DIPHOSPHATE 'C10 H15 N5 O9 P2'
#
# COMPACT_ATOMS: atom_id res chain seq x y z
N HIS A 20 14.56 -13.34 4.93
CA HIS A 20 15.43 -12.18 5.20
C HIS A 20 14.77 -10.84 4.75
N MET A 21 14.75 -10.49 3.44
CA MET A 21 14.10 -9.25 2.98
C MET A 21 12.69 -9.57 2.52
N LYS A 22 11.74 -8.70 2.82
CA LYS A 22 10.35 -8.90 2.44
C LYS A 22 9.82 -7.68 1.73
N LYS A 23 8.89 -7.91 0.81
CA LYS A 23 8.17 -6.83 0.15
C LYS A 23 6.84 -6.65 0.88
N VAL A 24 6.59 -5.45 1.42
CA VAL A 24 5.30 -5.14 2.03
C VAL A 24 4.54 -4.36 0.97
N GLU A 25 3.39 -4.90 0.57
CA GLU A 25 2.57 -4.28 -0.47
C GLU A 25 1.20 -4.00 0.15
N ALA A 26 0.83 -2.73 0.31
CA ALA A 26 -0.44 -2.35 0.89
C ALA A 26 -1.36 -1.68 -0.16
N ILE A 27 -2.65 -2.07 -0.16
CA ILE A 27 -3.69 -1.46 -1.06
C ILE A 27 -4.52 -0.69 -0.03
N ILE A 28 -4.74 0.62 -0.24
CA ILE A 28 -5.40 1.46 0.75
C ILE A 28 -6.20 2.50 -0.01
N ARG A 29 -7.10 3.21 0.70
CA ARG A 29 -7.91 4.30 0.17
C ARG A 29 -7.00 5.41 -0.20
N PRO A 30 -7.25 6.08 -1.35
CA PRO A 30 -6.38 7.22 -1.73
C PRO A 30 -6.28 8.35 -0.72
N GLU A 31 -7.40 8.68 -0.05
CA GLU A 31 -7.44 9.77 0.93
C GLU A 31 -6.61 9.46 2.20
N ARG A 32 -6.14 8.22 2.36
CA ARG A 32 -5.32 7.87 3.52
C ARG A 32 -3.82 7.83 3.19
N LEU A 33 -3.43 8.10 1.94
CA LEU A 33 -2.01 8.02 1.56
C LEU A 33 -1.14 8.96 2.39
N ASP A 34 -1.54 10.24 2.54
CA ASP A 34 -0.75 11.21 3.31
C ASP A 34 -0.56 10.82 4.78
N ILE A 35 -1.61 10.41 5.48
CA ILE A 35 -1.48 10.04 6.89
C ILE A 35 -0.62 8.78 7.04
N VAL A 36 -0.81 7.77 6.19
CA VAL A 36 -0.01 6.54 6.23
C VAL A 36 1.47 6.83 5.95
N LYS A 37 1.80 7.60 4.90
CA LYS A 37 3.19 7.86 4.56
C LYS A 37 3.90 8.79 5.55
N ASN A 38 3.15 9.64 6.26
CA ASN A 38 3.74 10.53 7.26
C ASN A 38 4.05 9.72 8.49
N ALA A 39 3.13 8.83 8.89
CA ALA A 39 3.36 7.93 10.01
C ALA A 39 4.50 6.97 9.73
N LEU A 40 4.68 6.50 8.46
CA LEU A 40 5.79 5.60 8.14
C LEU A 40 7.14 6.31 8.21
N SER A 41 7.25 7.52 7.63
CA SER A 41 8.51 8.30 7.64
C SER A 41 8.86 8.76 9.08
N ASP A 42 7.83 9.05 9.90
CA ASP A 42 8.05 9.45 11.29
C ASP A 42 8.72 8.30 12.06
N ALA A 43 8.44 7.03 11.66
CA ALA A 43 9.03 5.86 12.28
C ALA A 43 10.32 5.39 11.58
N GLY A 44 10.87 6.18 10.66
CA GLY A 44 12.11 5.83 9.97
C GLY A 44 11.96 5.04 8.69
N TYR A 45 10.73 4.79 8.23
CA TYR A 45 10.50 4.06 6.99
C TYR A 45 10.15 5.06 5.88
N VAL A 46 11.17 5.64 5.24
CA VAL A 46 10.97 6.65 4.21
C VAL A 46 10.83 6.05 2.80
N GLY A 47 11.69 5.09 2.45
CA GLY A 47 11.69 4.48 1.13
C GLY A 47 10.41 3.74 0.82
N MET A 48 9.86 3.96 -0.37
CA MET A 48 8.66 3.30 -0.86
C MET A 48 8.40 3.66 -2.30
N THR A 49 7.62 2.83 -2.97
CA THR A 49 7.17 3.04 -4.33
C THR A 49 5.64 3.09 -4.23
N VAL A 50 5.00 4.06 -4.86
CA VAL A 50 3.54 4.25 -4.77
C VAL A 50 2.93 4.22 -6.15
N SER A 51 1.79 3.55 -6.32
CA SER A 51 1.12 3.59 -7.61
C SER A 51 -0.37 3.66 -7.52
N GLU A 52 -0.99 4.21 -8.54
CA GLU A 52 -2.44 4.32 -8.60
C GLU A 52 -2.98 3.05 -9.24
N VAL A 53 -3.98 2.45 -8.59
CA VAL A 53 -4.63 1.25 -9.10
C VAL A 53 -6.14 1.40 -8.90
N LYS A 54 -6.91 0.43 -9.31
CA LYS A 54 -8.32 0.34 -9.01
C LYS A 54 -8.57 -1.00 -8.32
N GLY A 55 -9.54 -1.03 -7.43
CA GLY A 55 -9.85 -2.23 -6.65
C GLY A 55 -11.32 -2.57 -6.65
N ARG A 56 -11.59 -3.86 -6.50
CA ARG A 56 -12.93 -4.41 -6.40
C ARG A 56 -12.92 -5.32 -5.17
N GLY A 57 -14.00 -5.26 -4.39
CA GLY A 57 -14.16 -6.11 -3.22
C GLY A 57 -15.61 -6.11 -2.75
N ILE A 58 -15.79 -6.22 -1.42
CA ILE A 58 -17.11 -6.23 -0.75
C ILE A 58 -17.68 -4.82 -0.65
N GLN A 59 -16.83 -3.78 -0.63
CA GLN A 59 -17.28 -2.40 -0.65
C GLN A 59 -18.27 -2.19 -1.82
N GLY A 60 -19.21 -1.27 -1.65
CA GLY A 60 -20.18 -0.97 -2.68
C GLY A 60 -19.54 -0.22 -3.84
N GLY A 61 -19.88 -0.61 -5.05
CA GLY A 61 -19.45 0.11 -6.25
C GLY A 61 -20.11 1.48 -6.28
N ILE A 62 -19.67 2.32 -7.20
CA ILE A 62 -20.23 3.66 -7.33
C ILE A 62 -21.33 3.68 -8.42
N VAL A 63 -22.34 4.55 -8.23
CA VAL A 63 -23.43 4.70 -9.20
C VAL A 63 -23.14 5.96 -10.05
N GLU A 64 -23.14 5.80 -11.38
CA GLU A 64 -22.93 6.87 -12.34
C GLU A 64 -24.14 6.96 -13.26
N ARG A 65 -24.38 8.13 -13.85
CA ARG A 65 -25.50 8.31 -14.78
C ARG A 65 -24.97 8.65 -16.16
N TYR A 66 -25.57 8.09 -17.20
CA TYR A 66 -25.19 8.35 -18.57
C TYR A 66 -26.42 8.27 -19.48
N ARG A 67 -26.84 9.43 -20.03
CA ARG A 67 -28.00 9.52 -20.93
C ARG A 67 -29.27 8.96 -20.30
N GLY A 68 -29.57 9.41 -19.09
CA GLY A 68 -30.77 8.99 -18.40
C GLY A 68 -30.69 7.65 -17.69
N ARG A 69 -29.64 6.84 -17.93
CA ARG A 69 -29.48 5.52 -17.26
C ARG A 69 -28.42 5.55 -16.17
N GLU A 70 -28.65 4.77 -15.12
CA GLU A 70 -27.68 4.58 -14.06
C GLU A 70 -26.91 3.28 -14.35
N TYR A 71 -25.60 3.26 -14.02
CA TYR A 71 -24.69 2.12 -14.22
C TYR A 71 -23.83 2.01 -12.97
N ILE A 72 -23.36 0.79 -12.70
CA ILE A 72 -22.50 0.55 -11.51
C ILE A 72 -21.04 0.52 -11.95
N VAL A 73 -20.19 1.28 -11.26
CA VAL A 73 -18.72 1.24 -11.53
C VAL A 73 -18.16 0.34 -10.42
N ASP A 74 -17.65 -0.83 -10.78
CA ASP A 74 -17.19 -1.80 -9.75
C ASP A 74 -15.73 -1.57 -9.39
N LEU A 75 -14.93 -0.96 -10.28
CA LEU A 75 -13.50 -0.78 -9.92
C LEU A 75 -13.27 0.65 -9.42
N LEU A 76 -12.83 0.79 -8.17
CA LEU A 76 -12.71 2.09 -7.52
C LEU A 76 -11.24 2.49 -7.34
N PRO A 77 -10.88 3.80 -7.43
CA PRO A 77 -9.48 4.20 -7.20
C PRO A 77 -8.91 3.77 -5.87
N LYS A 78 -7.71 3.18 -5.88
CA LYS A 78 -7.00 2.79 -4.66
C LYS A 78 -5.54 3.19 -4.87
N ILE A 79 -4.77 3.09 -3.81
CA ILE A 79 -3.36 3.39 -3.84
C ILE A 79 -2.61 2.15 -3.42
N LYS A 80 -1.54 1.80 -4.14
CA LYS A 80 -0.68 0.68 -3.77
C LYS A 80 0.66 1.23 -3.26
N ILE A 81 1.08 0.79 -2.09
CA ILE A 81 2.38 1.17 -1.52
C ILE A 81 3.23 -0.06 -1.52
N GLU A 82 4.45 -0.02 -2.08
CA GLU A 82 5.38 -1.14 -1.99
C GLU A 82 6.64 -0.71 -1.23
N MET A 83 7.09 -1.57 -0.31
CA MET A 83 8.25 -1.30 0.50
C MET A 83 9.04 -2.55 0.71
N ALA A 84 10.33 -2.55 0.34
CA ALA A 84 11.25 -3.63 0.68
C ALA A 84 11.71 -3.33 2.13
N VAL A 85 11.48 -4.26 3.09
CA VAL A 85 11.95 -4.12 4.47
C VAL A 85 12.57 -5.43 4.95
N ASN A 86 13.46 -5.33 5.95
CA ASN A 86 14.02 -6.51 6.60
C ASN A 86 12.87 -7.18 7.38
N ASP A 87 12.81 -8.52 7.37
CA ASP A 87 11.74 -9.30 8.04
C ASP A 87 11.41 -8.83 9.47
N GLU A 88 12.43 -8.49 10.25
CA GLU A 88 12.28 -8.06 11.63
C GLU A 88 11.45 -6.77 11.77
N ASP A 89 11.30 -5.98 10.69
CA ASP A 89 10.50 -4.76 10.73
C ASP A 89 9.09 -4.94 10.16
N VAL A 90 8.77 -6.12 9.59
CA VAL A 90 7.48 -6.31 8.91
C VAL A 90 6.28 -6.02 9.80
N GLU A 91 6.25 -6.62 11.00
CA GLU A 91 5.11 -6.43 11.91
C GLU A 91 4.90 -4.98 12.34
N LYS A 92 5.99 -4.20 12.49
CA LYS A 92 5.89 -2.79 12.83
C LYS A 92 5.32 -2.01 11.65
N VAL A 93 5.79 -2.28 10.43
CA VAL A 93 5.28 -1.59 9.24
C VAL A 93 3.80 -1.91 9.06
N ILE A 94 3.41 -3.19 9.21
CA ILE A 94 2.00 -3.61 9.16
C ILE A 94 1.16 -2.83 10.16
N ASP A 95 1.63 -2.70 11.42
CA ASP A 95 0.85 -2.01 12.45
C ASP A 95 0.73 -0.53 12.15
N ILE A 96 1.78 0.10 11.59
CA ILE A 96 1.71 1.52 11.24
C ILE A 96 0.69 1.72 10.14
N ILE A 97 0.67 0.84 9.14
CA ILE A 97 -0.25 0.98 8.00
C ILE A 97 -1.69 0.73 8.45
N CYS A 98 -1.91 -0.27 9.29
CA CYS A 98 -3.26 -0.56 9.77
C CYS A 98 -3.84 0.58 10.63
N GLU A 99 -3.08 1.06 11.61
CA GLU A 99 -3.57 2.11 12.49
C GLU A 99 -3.99 3.37 11.68
N ASN A 100 -3.20 3.75 10.65
CA ASN A 100 -3.42 4.98 9.87
C ASN A 100 -4.24 4.81 8.60
N ALA A 101 -4.52 3.58 8.19
CA ALA A 101 -5.30 3.35 6.98
C ALA A 101 -6.74 2.92 7.27
N LYS A 102 -6.99 2.33 8.46
CA LYS A 102 -8.33 1.86 8.76
C LYS A 102 -9.30 2.99 9.09
N THR A 103 -10.56 2.84 8.65
CA THR A 103 -11.65 3.81 8.85
C THR A 103 -12.90 3.17 9.49
N GLY A 104 -12.97 1.84 9.53
CA GLY A 104 -14.15 1.13 10.05
C GLY A 104 -15.13 0.71 8.96
N GLU A 105 -15.08 1.36 7.77
CA GLU A 105 -15.96 1.04 6.66
C GLU A 105 -15.32 0.07 5.67
N PHE A 106 -16.15 -0.69 4.94
CA PHE A 106 -15.65 -1.61 3.91
C PHE A 106 -14.84 -0.87 2.85
N GLY A 107 -13.73 -1.45 2.43
CA GLY A 107 -12.86 -0.85 1.41
C GLY A 107 -11.56 -0.27 1.92
N ASP A 108 -11.18 -0.56 3.18
CA ASP A 108 -9.93 -0.07 3.77
C ASP A 108 -8.67 -0.66 3.12
N GLY A 109 -8.76 -1.88 2.60
CA GLY A 109 -7.66 -2.48 1.85
C GLY A 109 -6.96 -3.67 2.47
N LYS A 110 -5.88 -4.10 1.83
CA LYS A 110 -5.11 -5.28 2.25
C LYS A 110 -3.62 -4.96 2.38
N ILE A 111 -2.88 -5.84 3.04
CA ILE A 111 -1.43 -5.78 3.12
C ILE A 111 -0.91 -7.18 2.79
N PHE A 112 -0.02 -7.30 1.79
CA PHE A 112 0.58 -8.57 1.45
C PHE A 112 2.03 -8.49 1.85
N VAL A 113 2.58 -9.61 2.37
CA VAL A 113 3.99 -9.71 2.66
C VAL A 113 4.49 -10.77 1.71
N ILE A 114 5.44 -10.41 0.85
CA ILE A 114 5.94 -11.27 -0.21
C ILE A 114 7.46 -11.44 -0.04
N PRO A 115 8.01 -12.66 -0.16
CA PRO A 115 9.47 -12.79 -0.04
C PRO A 115 10.22 -12.08 -1.19
N ILE A 116 11.34 -11.44 -0.84
CA ILE A 116 12.28 -10.90 -1.81
C ILE A 116 13.55 -11.75 -1.65
N GLU A 117 14.09 -12.33 -2.72
CA GLU A 117 15.31 -13.13 -2.62
C GLU A 117 16.59 -12.33 -2.85
N GLU A 118 16.47 -11.10 -3.35
CA GLU A 118 17.65 -10.24 -3.57
C GLU A 118 17.18 -8.80 -3.80
N VAL A 119 17.84 -7.85 -3.12
CA VAL A 119 17.60 -6.42 -3.30
C VAL A 119 18.94 -5.83 -3.71
N VAL A 120 18.97 -5.06 -4.79
CA VAL A 120 20.19 -4.44 -5.30
C VAL A 120 19.93 -2.94 -5.40
N ARG A 121 20.85 -2.10 -4.92
CA ARG A 121 20.77 -0.65 -5.09
C ARG A 121 21.49 -0.36 -6.41
N VAL A 122 20.77 0.12 -7.42
CA VAL A 122 21.32 0.40 -8.75
C VAL A 122 22.61 1.27 -8.71
N ARG A 123 22.60 2.28 -7.86
CA ARG A 123 23.65 3.29 -7.77
C ARG A 123 25.01 2.74 -7.39
N THR A 124 25.04 1.89 -6.36
CA THR A 124 26.27 1.36 -5.80
C THR A 124 26.49 -0.13 -6.05
N GLY A 125 25.41 -0.88 -6.26
CA GLY A 125 25.51 -2.33 -6.38
C GLY A 125 25.40 -3.03 -5.04
N GLU A 126 25.15 -2.27 -3.94
CA GLU A 126 24.97 -2.84 -2.59
C GLU A 126 23.79 -3.81 -2.60
N ARG A 127 23.78 -4.76 -1.67
CA ARG A 127 22.67 -5.74 -1.62
C ARG A 127 22.12 -5.88 -0.21
N GLY A 128 20.97 -6.53 -0.09
CA GLY A 128 20.33 -6.80 1.18
C GLY A 128 20.03 -5.55 1.97
N ASN A 129 20.35 -5.55 3.28
CA ASN A 129 20.09 -4.39 4.12
C ASN A 129 20.84 -3.14 3.69
N ASP A 130 22.00 -3.28 3.03
CA ASP A 130 22.75 -2.12 2.52
C ASP A 130 22.10 -1.53 1.25
N ALA A 131 21.14 -2.26 0.64
CA ALA A 131 20.47 -1.79 -0.56
C ALA A 131 19.28 -0.88 -0.25
N ILE A 132 18.63 -1.00 0.92
CA ILE A 132 17.51 -0.11 1.24
C ILE A 132 18.09 1.28 1.50
PB DAT B . -12.16 -4.67 2.99
O1B DAT B . -12.82 -5.94 3.43
O2B DAT B . -12.26 -3.58 4.02
O3B DAT B . -10.70 -4.97 2.68
PA DAT B . -12.90 -4.68 0.15
O1A DAT B . -13.26 -6.15 0.06
O2A DAT B . -13.84 -3.83 -0.65
O3A DAT B . -12.90 -4.10 1.66
O5' DAT B . -11.42 -4.52 -0.50
C5' DAT B . -10.59 -3.40 -0.30
C4' DAT B . -9.57 -3.37 -1.44
O4' DAT B . -8.63 -4.46 -1.31
C3' DAT B . -10.24 -3.57 -2.81
O3' DAT B . -10.64 -2.34 -3.42
C2' DAT B . -9.15 -4.23 -3.65
C1' DAT B . -8.32 -4.98 -2.62
N9 DAT B . -8.73 -6.40 -2.67
C8 DAT B . -9.85 -6.97 -2.16
N7 DAT B . -9.80 -8.33 -2.27
C5 DAT B . -8.61 -8.66 -2.83
C6 DAT B . -7.92 -9.88 -3.30
N6 DAT B . -8.43 -11.13 -3.15
N1 DAT B . -6.74 -9.71 -3.93
C2 DAT B . -6.15 -8.51 -4.08
N3 DAT B . -6.72 -7.37 -3.69
C4 DAT B . -7.92 -7.37 -3.11
CL CL C . 0.38 1.51 -12.22
CL CL D . 5.20 -9.28 -6.34
#